data_5YPJ
#
_entry.id   5YPJ
#
_cell.length_a   49.285
_cell.length_b   48.536
_cell.length_c   56.353
_cell.angle_alpha   90.000
_cell.angle_beta   95.000
_cell.angle_gamma   90.000
#
_symmetry.space_group_name_H-M   'P 1 21 1'
#
loop_
_entity.id
_entity.type
_entity.pdbx_description
1 polymer 'Methionine aminopeptidase'
2 non-polymer 'COBALT (II) ION'
3 non-polymer 'CHLORIDE ION'
4 non-polymer 'SODIUM ION'
5 water water
#
_entity_poly.entity_id   1
_entity_poly.type   'polypeptide(L)'
_entity_poly.pdbx_seq_one_letter_code
;MGSSHHHHHHSSGLVPRGSHMASMTGGQQMGRGSMPSRTALSPGVLSPTRPVPNWIARPEYVGKPAAQEGSEPWVQTPEV
IEKMRVAGRIAAGALAEAGKAVAPGVTTDELDRIAHEYLVDNGAYPSTLGYKGFPKSCNTSLNEVICHGIPDSTVITDGD
IVNIDVTAYIGGVHGDTNATFPAGDVADEHRLLVDRTREATMRAINTVKPGRALSVIGRVIESYANRFGYNVVRDFTGHG
IGTTFHNGLVVLHYDQPAVETIMQPGMTFTIEPMINLGALDYEIWDDGWTVVTKDRKWTAQFEHTLLVTDTGVEILTAL
;
_entity_poly.pdbx_strand_id   A
#
loop_
_chem_comp.id
_chem_comp.type
_chem_comp.name
_chem_comp.formula
CL non-polymer 'CHLORIDE ION' 'Cl -1'
CO non-polymer 'COBALT (II) ION' 'Co 2'
NA non-polymer 'SODIUM ION' 'Na 1'
#
# COMPACT_ATOMS: atom_id res chain seq x y z
N ARG A 38 25.33 1.74 6.12
CA ARG A 38 24.37 2.47 5.22
C ARG A 38 23.58 3.55 5.98
N THR A 39 23.71 4.79 5.53
CA THR A 39 23.14 5.96 6.20
C THR A 39 21.62 6.03 6.23
N ALA A 40 21.13 6.81 7.17
CA ALA A 40 19.74 7.25 7.19
C ALA A 40 19.46 8.02 5.92
N LEU A 41 18.26 7.80 5.38
CA LEU A 41 17.84 8.49 4.18
C LEU A 41 17.63 9.97 4.42
N SER A 42 17.81 10.77 3.38
CA SER A 42 17.37 12.16 3.38
C SER A 42 16.61 12.44 2.09
N PRO A 43 15.79 13.53 2.07
CA PRO A 43 15.03 13.87 0.85
C PRO A 43 15.91 14.10 -0.38
N GLY A 44 15.60 13.44 -1.50
CA GLY A 44 16.18 13.73 -2.81
C GLY A 44 15.45 14.81 -3.62
N VAL A 45 15.67 14.82 -4.93
CA VAL A 45 15.10 15.82 -5.86
C VAL A 45 13.90 15.22 -6.60
N LEU A 46 12.80 15.95 -6.56
CA LEU A 46 11.57 15.59 -7.24
C LEU A 46 11.62 15.92 -8.73
N SER A 47 11.33 14.97 -9.60
CA SER A 47 11.15 15.23 -11.00
C SER A 47 9.82 15.97 -11.28
N PRO A 48 9.64 16.52 -12.49
CA PRO A 48 8.37 17.29 -12.69
C PRO A 48 7.11 16.38 -12.75
N THR A 49 5.94 16.97 -12.52
CA THR A 49 4.68 16.21 -12.53
C THR A 49 4.59 15.44 -13.81
N ARG A 50 4.37 14.14 -13.78
CA ARG A 50 4.21 13.36 -15.01
C ARG A 50 2.83 13.53 -15.59
N PRO A 51 2.71 13.54 -16.93
CA PRO A 51 1.41 13.79 -17.57
C PRO A 51 0.60 12.53 -17.69
N VAL A 52 -0.71 12.68 -17.62
CA VAL A 52 -1.52 11.56 -17.99
C VAL A 52 -2.46 11.99 -19.11
N PRO A 53 -2.59 11.16 -20.15
CA PRO A 53 -3.44 11.58 -21.23
C PRO A 53 -4.83 12.02 -20.76
N ASN A 54 -5.37 12.99 -21.47
CA ASN A 54 -6.50 13.73 -21.01
C ASN A 54 -7.75 12.90 -21.08
N TRP A 55 -7.80 11.91 -21.95
CA TRP A 55 -8.93 11.02 -21.90
C TRP A 55 -9.07 10.14 -20.65
N ILE A 56 -8.00 9.93 -19.86
CA ILE A 56 -8.14 9.09 -18.65
C ILE A 56 -8.84 9.91 -17.59
N ALA A 57 -9.96 9.38 -17.10
CA ALA A 57 -10.76 10.15 -16.15
C ALA A 57 -10.01 10.25 -14.80
N ARG A 58 -9.96 11.45 -14.27
CA ARG A 58 -9.33 11.74 -12.99
C ARG A 58 -10.36 11.47 -11.89
N PRO A 59 -9.94 10.97 -10.71
CA PRO A 59 -10.79 11.06 -9.53
C PRO A 59 -11.13 12.50 -9.20
N GLU A 60 -12.29 12.69 -8.60
CA GLU A 60 -12.77 14.03 -8.34
C GLU A 60 -11.80 14.88 -7.49
N TYR A 61 -11.04 14.22 -6.61
CA TYR A 61 -10.08 14.93 -5.71
C TYR A 61 -8.86 15.59 -6.37
N VAL A 62 -8.60 15.26 -7.63
CA VAL A 62 -7.43 15.77 -8.31
C VAL A 62 -7.53 17.26 -8.47
N GLY A 63 -6.50 17.96 -8.07
CA GLY A 63 -6.53 19.41 -8.05
C GLY A 63 -7.39 20.02 -6.95
N LYS A 64 -7.63 19.27 -5.87
CA LYS A 64 -8.33 19.86 -4.72
C LYS A 64 -7.55 19.53 -3.47
N PRO A 65 -7.75 20.31 -2.39
CA PRO A 65 -6.99 20.03 -1.18
C PRO A 65 -7.49 18.82 -0.42
N ALA A 66 -8.76 18.49 -0.51
CA ALA A 66 -9.27 17.27 0.14
C ALA A 66 -9.96 16.40 -0.92
N ALA A 67 -10.23 15.15 -0.52
CA ALA A 67 -11.04 14.22 -1.27
C ALA A 67 -12.44 14.10 -0.74
N GLN A 68 -13.44 13.92 -1.60
CA GLN A 68 -14.77 13.59 -1.11
C GLN A 68 -14.85 12.12 -0.80
N GLU A 69 -14.50 11.71 0.41
CA GLU A 69 -14.53 10.32 0.77
C GLU A 69 -14.74 10.20 2.25
N GLY A 70 -15.15 9.03 2.71
CA GLY A 70 -15.24 8.73 4.15
C GLY A 70 -16.61 8.28 4.58
N SER A 71 -17.60 8.38 3.70
CA SER A 71 -18.93 7.92 4.00
C SER A 71 -19.54 7.05 2.94
N GLU A 72 -18.75 6.28 2.23
CA GLU A 72 -19.31 5.51 1.11
C GLU A 72 -19.72 4.17 1.68
N PRO A 73 -20.62 3.48 1.00
CA PRO A 73 -20.97 2.12 1.52
C PRO A 73 -19.81 1.18 1.52
N TRP A 74 -19.76 0.38 2.57
CA TRP A 74 -18.72 -0.59 2.80
C TRP A 74 -18.91 -1.80 1.97
N VAL A 75 -20.15 -2.16 1.68
CA VAL A 75 -20.47 -3.26 0.79
C VAL A 75 -20.76 -2.69 -0.59
N GLN A 76 -20.11 -3.25 -1.62
CA GLN A 76 -20.19 -2.70 -2.96
C GLN A 76 -21.23 -3.40 -3.78
N THR A 77 -21.68 -2.74 -4.85
CA THR A 77 -22.50 -3.43 -5.82
C THR A 77 -21.76 -4.46 -6.65
N PRO A 78 -22.53 -5.41 -7.23
CA PRO A 78 -21.87 -6.36 -8.18
C PRO A 78 -21.15 -5.69 -9.33
N GLU A 79 -21.73 -4.61 -9.83
CA GLU A 79 -21.08 -3.81 -10.84
C GLU A 79 -19.72 -3.32 -10.36
N VAL A 80 -19.72 -2.69 -9.18
CA VAL A 80 -18.50 -2.06 -8.70
C VAL A 80 -17.47 -3.16 -8.40
N ILE A 81 -17.90 -4.30 -7.88
CA ILE A 81 -16.94 -5.41 -7.58
C ILE A 81 -16.22 -5.86 -8.87
N GLU A 82 -16.98 -6.03 -9.96
CA GLU A 82 -16.35 -6.43 -11.23
C GLU A 82 -15.40 -5.35 -11.69
N LYS A 83 -15.82 -4.10 -11.57
CA LYS A 83 -14.90 -3.04 -11.95
C LYS A 83 -13.64 -2.98 -11.12
N MET A 84 -13.78 -3.31 -9.82
CA MET A 84 -12.62 -3.44 -8.94
C MET A 84 -11.65 -4.61 -9.28
N ARG A 85 -12.15 -5.69 -9.89
CA ARG A 85 -11.26 -6.74 -10.40
C ARG A 85 -10.34 -6.19 -11.50
N VAL A 86 -10.93 -5.35 -12.37
CA VAL A 86 -10.17 -4.70 -13.42
C VAL A 86 -9.12 -3.75 -12.88
N ALA A 87 -9.52 -2.87 -11.97
CA ALA A 87 -8.60 -1.97 -11.36
C ALA A 87 -7.51 -2.67 -10.56
N GLY A 88 -7.89 -3.70 -9.84
CA GLY A 88 -6.92 -4.47 -9.03
C GLY A 88 -5.89 -5.20 -9.85
N ARG A 89 -6.34 -5.78 -10.95
CA ARG A 89 -5.46 -6.46 -11.86
C ARG A 89 -4.45 -5.49 -12.45
N ILE A 90 -4.90 -4.33 -12.88
CA ILE A 90 -4.01 -3.32 -13.39
C ILE A 90 -3.04 -2.78 -12.34
N ALA A 91 -3.52 -2.46 -11.12
CA ALA A 91 -2.61 -2.07 -10.04
C ALA A 91 -1.54 -3.16 -9.78
N ALA A 92 -1.96 -4.44 -9.78
CA ALA A 92 -1.06 -5.58 -9.65
C ALA A 92 0.00 -5.65 -10.75
N GLY A 93 -0.38 -5.35 -11.99
CA GLY A 93 0.57 -5.24 -13.08
C GLY A 93 1.61 -4.14 -12.92
N ALA A 94 1.17 -2.95 -12.59
CA ALA A 94 2.04 -1.85 -12.34
C ALA A 94 3.03 -2.16 -11.23
N LEU A 95 2.55 -2.72 -10.16
CA LEU A 95 3.43 -3.08 -9.06
C LEU A 95 4.52 -4.06 -9.47
N ALA A 96 4.14 -5.14 -10.14
CA ALA A 96 5.12 -6.16 -10.58
C ALA A 96 6.14 -5.57 -11.57
N GLU A 97 5.70 -4.69 -12.47
CA GLU A 97 6.60 -4.01 -13.37
C GLU A 97 7.59 -3.14 -12.65
N ALA A 98 7.11 -2.32 -11.74
CA ALA A 98 7.99 -1.47 -11.02
C ALA A 98 8.92 -2.32 -10.13
N GLY A 99 8.37 -3.38 -9.54
CA GLY A 99 9.18 -4.32 -8.73
C GLY A 99 10.38 -4.91 -9.44
N LYS A 100 10.16 -5.29 -10.70
CA LYS A 100 11.19 -5.80 -11.50
C LYS A 100 12.37 -4.90 -11.70
N ALA A 101 12.18 -3.59 -11.64
CA ALA A 101 13.22 -2.61 -11.81
C ALA A 101 13.93 -2.26 -10.51
N VAL A 102 13.51 -2.83 -9.38
CA VAL A 102 14.23 -2.59 -8.13
C VAL A 102 15.66 -3.25 -8.19
N ALA A 103 16.68 -2.42 -8.14
CA ALA A 103 18.05 -2.93 -8.25
C ALA A 103 18.93 -1.82 -7.77
N PRO A 104 20.09 -2.20 -7.21
CA PRO A 104 21.02 -1.15 -6.81
C PRO A 104 21.35 -0.26 -8.02
N GLY A 105 21.39 1.04 -7.79
CA GLY A 105 21.68 2.04 -8.82
C GLY A 105 20.45 2.74 -9.40
N VAL A 106 19.28 2.16 -9.17
CA VAL A 106 18.04 2.75 -9.67
C VAL A 106 17.51 3.82 -8.72
N THR A 107 16.82 4.83 -9.26
CA THR A 107 16.17 5.86 -8.41
C THR A 107 14.72 5.49 -8.09
N THR A 108 14.26 6.02 -6.99
CA THR A 108 12.85 5.84 -6.67
C THR A 108 11.98 6.49 -7.75
N ASP A 109 12.46 7.61 -8.28
CA ASP A 109 11.76 8.29 -9.36
C ASP A 109 11.55 7.40 -10.51
N GLU A 110 12.55 6.57 -10.83
CA GLU A 110 12.43 5.65 -11.97
C GLU A 110 11.35 4.59 -11.75
N LEU A 111 11.20 4.17 -10.48
CA LEU A 111 10.21 3.18 -10.14
C LEU A 111 8.84 3.80 -10.41
N ASP A 112 8.67 5.07 -10.02
CA ASP A 112 7.44 5.82 -10.26
C ASP A 112 7.14 5.97 -11.74
N ARG A 113 8.18 6.27 -12.54
CA ARG A 113 8.01 6.41 -13.96
C ARG A 113 7.48 5.14 -14.54
N ILE A 114 8.06 4.05 -14.12
CA ILE A 114 7.64 2.74 -14.64
C ILE A 114 6.19 2.40 -14.23
N ALA A 115 5.83 2.75 -12.99
CA ALA A 115 4.47 2.36 -12.50
C ALA A 115 3.47 3.26 -13.21
N HIS A 116 3.80 4.53 -13.27
CA HIS A 116 2.99 5.55 -13.95
C HIS A 116 2.66 5.19 -15.39
N GLU A 117 3.71 4.81 -16.13
CA GLU A 117 3.56 4.30 -17.51
C GLU A 117 2.76 3.04 -17.72
N TYR A 118 2.91 2.05 -16.84
CA TYR A 118 2.06 0.88 -16.90
C TYR A 118 0.59 1.28 -16.65
N LEU A 119 0.34 2.14 -15.67
CA LEU A 119 -1.06 2.48 -15.41
C LEU A 119 -1.68 3.22 -16.65
N VAL A 120 -1.02 4.28 -17.07
CA VAL A 120 -1.46 5.07 -18.22
C VAL A 120 -1.69 4.18 -19.48
N ASP A 121 -0.77 3.26 -19.74
CA ASP A 121 -0.92 2.36 -20.88
C ASP A 121 -2.09 1.49 -20.84
N ASN A 122 -2.56 1.22 -19.62
CA ASN A 122 -3.73 0.39 -19.46
C ASN A 122 -5.00 1.19 -19.15
N GLY A 123 -4.97 2.49 -19.37
CA GLY A 123 -6.14 3.34 -19.26
C GLY A 123 -6.48 3.71 -17.81
N ALA A 124 -5.51 3.62 -16.89
CA ALA A 124 -5.84 3.89 -15.45
C ALA A 124 -5.19 5.20 -15.03
N TYR A 125 -5.87 5.94 -14.14
CA TYR A 125 -5.28 7.12 -13.56
C TYR A 125 -4.52 6.57 -12.31
N PRO A 126 -3.31 7.10 -11.99
CA PRO A 126 -2.65 6.76 -10.72
C PRO A 126 -3.35 7.49 -9.56
N SER A 127 -4.02 6.75 -8.66
CA SER A 127 -4.84 7.35 -7.65
C SER A 127 -4.06 8.30 -6.72
N THR A 128 -2.77 8.02 -6.44
CA THR A 128 -2.00 8.90 -5.56
C THR A 128 -1.73 10.29 -6.16
N LEU A 129 -1.79 10.43 -7.49
CA LEU A 129 -1.29 11.64 -8.15
C LEU A 129 -2.29 12.75 -8.01
N GLY A 130 -1.94 13.73 -7.19
CA GLY A 130 -2.88 14.83 -6.84
C GLY A 130 -3.89 14.44 -5.80
N TYR A 131 -3.63 13.40 -5.02
CA TYR A 131 -4.47 13.01 -3.89
C TYR A 131 -3.95 13.78 -2.67
N LYS A 132 -4.74 14.72 -2.14
CA LYS A 132 -4.30 15.62 -1.09
C LYS A 132 -2.95 16.20 -1.40
N GLY A 133 -2.78 16.59 -2.65
CA GLY A 133 -1.62 17.23 -3.13
C GLY A 133 -0.42 16.37 -3.29
N PHE A 134 -0.51 15.06 -3.09
CA PHE A 134 0.66 14.21 -3.36
C PHE A 134 1.19 14.35 -4.81
N PRO A 135 2.53 14.45 -5.02
CA PRO A 135 3.03 14.82 -6.35
C PRO A 135 3.37 13.72 -7.26
N LYS A 136 3.24 12.45 -6.87
CA LYS A 136 3.69 11.34 -7.71
C LYS A 136 2.61 10.25 -7.87
N SER A 137 2.98 9.19 -8.57
CA SER A 137 2.06 8.15 -9.03
C SER A 137 2.08 6.86 -8.24
N CYS A 138 2.93 6.85 -7.22
CA CYS A 138 3.06 5.72 -6.32
C CYS A 138 3.85 6.18 -5.12
N ASN A 139 3.88 5.34 -4.08
CA ASN A 139 4.73 5.61 -2.90
C ASN A 139 5.90 4.63 -2.89
N THR A 140 7.09 5.19 -2.64
CA THR A 140 8.31 4.44 -2.62
C THR A 140 8.96 4.60 -1.24
N SER A 141 9.00 3.51 -0.46
CA SER A 141 9.38 3.58 0.95
C SER A 141 10.56 2.61 1.25
N LEU A 142 11.74 3.18 1.37
CA LEU A 142 12.97 2.41 1.57
C LEU A 142 13.18 2.24 3.06
N ASN A 143 13.71 1.09 3.43
CA ASN A 143 14.42 0.92 4.72
C ASN A 143 13.60 1.41 5.88
N GLU A 144 14.02 2.48 6.54
CA GLU A 144 13.33 2.99 7.72
C GLU A 144 12.07 3.78 7.44
N VAL A 145 11.70 3.97 6.17
CA VAL A 145 10.45 4.62 5.88
C VAL A 145 9.26 3.63 6.06
N ILE A 146 8.36 3.99 6.95
CA ILE A 146 7.21 3.13 7.30
C ILE A 146 6.25 3.09 6.13
N CYS A 147 5.93 4.27 5.61
CA CYS A 147 5.01 4.41 4.48
C CYS A 147 5.09 5.84 3.92
N HIS A 148 4.54 6.00 2.71
CA HIS A 148 4.28 7.33 2.11
C HIS A 148 5.51 8.07 1.61
N GLY A 149 6.56 7.30 1.32
CA GLY A 149 7.77 7.81 0.75
C GLY A 149 7.45 8.38 -0.64
N ILE A 150 8.18 9.44 -1.03
CA ILE A 150 7.91 10.16 -2.28
C ILE A 150 9.01 9.84 -3.29
N PRO A 151 8.63 9.23 -4.44
CA PRO A 151 9.61 8.96 -5.48
C PRO A 151 10.42 10.21 -5.83
N ASP A 152 11.74 10.04 -5.81
CA ASP A 152 12.68 11.11 -6.06
C ASP A 152 14.05 10.61 -6.61
N SER A 153 15.07 11.49 -6.53
CA SER A 153 16.37 11.16 -7.06
C SER A 153 17.11 10.15 -6.18
N THR A 154 16.53 9.76 -5.06
CA THR A 154 17.17 8.79 -4.15
C THR A 154 17.63 7.57 -4.90
N VAL A 155 18.90 7.20 -4.74
CA VAL A 155 19.48 6.09 -5.45
C VAL A 155 19.48 4.87 -4.54
N ILE A 156 18.91 3.78 -5.03
CA ILE A 156 18.81 2.55 -4.22
C ILE A 156 20.21 1.92 -4.10
N THR A 157 20.61 1.47 -2.92
CA THR A 157 21.92 0.89 -2.61
CA THR A 157 21.93 0.83 -2.84
C THR A 157 21.86 -0.64 -2.46
N ASP A 158 23.01 -1.28 -2.49
CA ASP A 158 23.09 -2.71 -2.26
C ASP A 158 22.61 -3.01 -0.83
N GLY A 159 21.75 -4.00 -0.68
CA GLY A 159 21.18 -4.35 0.62
C GLY A 159 19.92 -3.60 1.07
N ASP A 160 19.45 -2.63 0.29
CA ASP A 160 18.19 -1.92 0.61
C ASP A 160 16.91 -2.77 0.42
N ILE A 161 15.86 -2.39 1.14
CA ILE A 161 14.50 -2.91 0.87
C ILE A 161 13.62 -1.76 0.47
N VAL A 162 12.80 -1.98 -0.56
CA VAL A 162 11.93 -0.87 -1.07
C VAL A 162 10.49 -1.35 -1.22
N ASN A 163 9.59 -0.68 -0.53
CA ASN A 163 8.13 -0.90 -0.70
C ASN A 163 7.66 -0.02 -1.81
N ILE A 164 6.94 -0.61 -2.76
CA ILE A 164 6.27 0.21 -3.79
C ILE A 164 4.78 -0.02 -3.61
N ASP A 165 4.04 1.08 -3.47
CA ASP A 165 2.60 1.07 -3.20
C ASP A 165 1.96 1.83 -4.34
N VAL A 166 1.15 1.13 -5.07
CA VAL A 166 0.52 1.65 -6.29
C VAL A 166 -0.98 1.50 -6.16
N THR A 167 -1.73 2.51 -6.61
CA THR A 167 -3.19 2.42 -6.71
C THR A 167 -3.68 2.89 -8.13
N ALA A 168 -4.61 2.12 -8.70
CA ALA A 168 -5.17 2.35 -10.04
C ALA A 168 -6.62 2.81 -9.93
N TYR A 169 -6.98 3.88 -10.66
CA TYR A 169 -8.35 4.35 -10.78
C TYR A 169 -8.87 4.16 -12.21
N ILE A 170 -9.87 3.34 -12.40
CA ILE A 170 -10.36 3.00 -13.77
C ILE A 170 -11.74 2.50 -13.55
N GLY A 171 -12.65 2.88 -14.45
CA GLY A 171 -14.06 2.54 -14.33
C GLY A 171 -14.70 3.14 -13.05
N GLY A 172 -14.21 4.26 -12.60
CA GLY A 172 -14.80 4.88 -11.48
C GLY A 172 -14.45 4.21 -10.14
N VAL A 173 -13.45 3.32 -10.13
CA VAL A 173 -13.15 2.52 -8.89
C VAL A 173 -11.64 2.42 -8.76
N HIS A 174 -11.20 2.09 -7.52
CA HIS A 174 -9.78 2.02 -7.18
C HIS A 174 -9.37 0.59 -6.87
N GLY A 175 -8.09 0.31 -7.14
CA GLY A 175 -7.41 -0.98 -6.82
C GLY A 175 -6.02 -0.68 -6.24
N ASP A 176 -5.72 -1.27 -5.09
CA ASP A 176 -4.60 -0.83 -4.24
C ASP A 176 -3.75 -2.01 -3.78
N THR A 177 -2.44 -1.97 -4.08
CA THR A 177 -1.55 -3.05 -3.73
C THR A 177 -0.12 -2.58 -3.55
N ASN A 178 0.60 -3.24 -2.65
CA ASN A 178 1.98 -2.88 -2.35
C ASN A 178 2.79 -4.08 -1.90
N ALA A 179 4.10 -3.99 -2.08
CA ALA A 179 5.04 -5.06 -1.79
C ALA A 179 6.46 -4.46 -1.53
N THR A 180 7.21 -5.11 -0.64
CA THR A 180 8.54 -4.72 -0.37
C THR A 180 9.47 -5.68 -1.12
N PHE A 181 10.48 -5.11 -1.80
CA PHE A 181 11.35 -5.82 -2.76
C PHE A 181 12.78 -5.62 -2.29
N PRO A 182 13.60 -6.68 -2.31
CA PRO A 182 15.00 -6.57 -1.90
C PRO A 182 15.89 -6.05 -3.05
N ALA A 183 16.91 -5.27 -2.72
CA ALA A 183 17.84 -4.80 -3.73
C ALA A 183 19.24 -5.28 -3.43
N GLY A 184 19.75 -6.15 -4.27
CA GLY A 184 21.05 -6.71 -4.10
C GLY A 184 21.08 -7.65 -2.89
N ASP A 185 22.22 -7.66 -2.23
CA ASP A 185 22.54 -8.57 -1.14
C ASP A 185 22.00 -8.02 0.20
N VAL A 186 20.72 -8.30 0.44
CA VAL A 186 20.04 -7.83 1.61
C VAL A 186 20.47 -8.71 2.82
N ALA A 187 20.71 -8.08 3.98
CA ALA A 187 21.06 -8.78 5.20
C ALA A 187 19.93 -9.71 5.62
N ASP A 188 20.29 -10.89 6.13
CA ASP A 188 19.35 -11.84 6.69
C ASP A 188 18.28 -11.24 7.54
N GLU A 189 18.67 -10.38 8.44
CA GLU A 189 17.69 -9.77 9.32
C GLU A 189 16.52 -9.11 8.57
N HIS A 190 16.90 -8.40 7.51
CA HIS A 190 15.99 -7.68 6.64
C HIS A 190 15.20 -8.56 5.67
N ARG A 191 15.81 -9.60 5.09
CA ARG A 191 15.09 -10.62 4.30
C ARG A 191 14.00 -11.30 5.15
N LEU A 192 14.33 -11.64 6.41
CA LEU A 192 13.37 -12.35 7.26
C LEU A 192 12.17 -11.46 7.59
N LEU A 193 12.45 -10.22 8.00
CA LEU A 193 11.40 -9.17 8.16
C LEU A 193 10.43 -9.11 6.96
N VAL A 194 10.99 -9.03 5.76
CA VAL A 194 10.26 -8.92 4.54
C VAL A 194 9.40 -10.18 4.34
N ASP A 195 10.01 -11.36 4.53
CA ASP A 195 9.28 -12.62 4.30
C ASP A 195 8.17 -12.85 5.32
N ARG A 196 8.43 -12.41 6.54
CA ARG A 196 7.50 -12.61 7.61
C ARG A 196 6.36 -11.62 7.52
N THR A 197 6.66 -10.39 7.11
CA THR A 197 5.61 -9.43 6.78
C THR A 197 4.71 -9.91 5.67
N ARG A 198 5.26 -10.53 4.64
CA ARG A 198 4.46 -11.10 3.54
C ARG A 198 3.55 -12.19 4.12
N GLU A 199 4.13 -13.06 4.95
CA GLU A 199 3.40 -14.13 5.52
C GLU A 199 2.30 -13.66 6.41
N ALA A 200 2.58 -12.66 7.27
CA ALA A 200 1.56 -12.13 8.11
C ALA A 200 0.36 -11.68 7.30
N THR A 201 0.65 -11.01 6.19
CA THR A 201 -0.39 -10.45 5.27
C THR A 201 -1.25 -11.54 4.69
N MET A 202 -0.62 -12.60 4.19
CA MET A 202 -1.32 -13.68 3.54
C MET A 202 -2.14 -14.49 4.55
N ARG A 203 -1.58 -14.69 5.75
CA ARG A 203 -2.39 -15.23 6.85
C ARG A 203 -3.60 -14.42 7.22
N ALA A 204 -3.47 -13.11 7.22
CA ALA A 204 -4.59 -12.30 7.56
C ALA A 204 -5.65 -12.42 6.49
N ILE A 205 -5.21 -12.31 5.24
CA ILE A 205 -6.10 -12.49 4.13
C ILE A 205 -6.93 -13.77 4.25
N ASN A 206 -6.26 -14.86 4.61
CA ASN A 206 -6.89 -16.14 4.63
C ASN A 206 -7.91 -16.28 5.80
N THR A 207 -7.98 -15.32 6.71
CA THR A 207 -9.01 -15.36 7.74
C THR A 207 -10.25 -14.64 7.23
N VAL A 208 -10.19 -13.96 6.09
CA VAL A 208 -11.34 -13.18 5.66
C VAL A 208 -12.51 -14.05 5.23
N LYS A 209 -13.63 -13.91 5.93
CA LYS A 209 -14.86 -14.58 5.52
C LYS A 209 -16.12 -13.87 6.07
N PRO A 210 -17.26 -14.01 5.41
CA PRO A 210 -18.43 -13.34 5.95
C PRO A 210 -18.81 -13.84 7.37
N GLY A 211 -19.25 -12.95 8.27
CA GLY A 211 -19.65 -13.35 9.60
C GLY A 211 -18.52 -13.41 10.61
N ARG A 212 -17.29 -13.35 10.16
CA ARG A 212 -16.16 -13.25 11.09
C ARG A 212 -15.88 -11.79 11.41
N ALA A 213 -15.45 -11.55 12.65
CA ALA A 213 -15.15 -10.23 13.09
C ALA A 213 -13.89 -9.69 12.38
N LEU A 214 -13.99 -8.43 11.96
CA LEU A 214 -12.95 -7.70 11.32
C LEU A 214 -11.67 -7.67 12.16
N SER A 215 -11.85 -7.60 13.47
CA SER A 215 -10.75 -7.55 14.42
C SER A 215 -9.82 -8.77 14.38
N VAL A 216 -10.29 -9.83 13.74
CA VAL A 216 -9.52 -11.02 13.59
C VAL A 216 -8.25 -10.80 12.77
N ILE A 217 -8.36 -9.97 11.75
CA ILE A 217 -7.22 -9.61 10.92
C ILE A 217 -6.01 -9.13 11.74
N GLY A 218 -6.16 -8.09 12.50
CA GLY A 218 -5.08 -7.57 13.32
C GLY A 218 -4.62 -8.48 14.46
N ARG A 219 -5.50 -9.32 14.98
CA ARG A 219 -5.03 -10.35 15.98
C ARG A 219 -4.07 -11.34 15.35
N VAL A 220 -4.40 -11.81 14.15
CA VAL A 220 -3.53 -12.72 13.39
C VAL A 220 -2.18 -12.07 13.05
N ILE A 221 -2.26 -10.86 12.51
CA ILE A 221 -1.06 -10.18 12.11
C ILE A 221 -0.09 -9.95 13.33
N GLU A 222 -0.64 -9.45 14.43
CA GLU A 222 0.16 -9.05 15.54
C GLU A 222 0.71 -10.22 16.33
N SER A 223 -0.07 -11.28 16.40
CA SER A 223 0.42 -12.50 17.02
C SER A 223 1.54 -13.14 16.15
N TYR A 224 1.44 -13.07 14.81
CA TYR A 224 2.51 -13.50 13.97
C TYR A 224 3.77 -12.65 14.11
N ALA A 225 3.62 -11.33 14.08
CA ALA A 225 4.77 -10.44 14.22
C ALA A 225 5.43 -10.58 15.59
N ASN A 226 4.63 -10.71 16.64
CA ASN A 226 5.18 -10.80 18.01
C ASN A 226 5.92 -12.12 18.25
N ARG A 227 5.53 -13.16 17.55
CA ARG A 227 6.22 -14.43 17.59
C ARG A 227 7.75 -14.26 17.27
N PHE A 228 8.07 -13.37 16.32
CA PHE A 228 9.48 -13.08 15.96
C PHE A 228 10.03 -11.79 16.51
N GLY A 229 9.36 -11.21 17.48
CA GLY A 229 9.82 -10.02 18.17
C GLY A 229 9.70 -8.75 17.43
N TYR A 230 8.83 -8.70 16.40
CA TYR A 230 8.53 -7.47 15.69
C TYR A 230 7.35 -6.71 16.33
N ASN A 231 7.25 -5.43 15.98
CA ASN A 231 6.16 -4.59 16.42
C ASN A 231 5.33 -4.07 15.23
N VAL A 232 4.01 -4.17 15.37
CA VAL A 232 3.08 -3.76 14.35
C VAL A 232 2.72 -2.30 14.51
N VAL A 233 2.85 -1.57 13.40
CA VAL A 233 2.49 -0.16 13.36
C VAL A 233 1.01 -0.02 13.62
N ARG A 234 0.65 0.96 14.45
CA ARG A 234 -0.75 1.17 14.88
C ARG A 234 -1.43 2.33 14.22
N ASP A 235 -0.71 3.44 14.10
CA ASP A 235 -1.28 4.69 13.55
C ASP A 235 -1.57 4.69 12.09
N PHE A 236 -1.05 3.73 11.30
CA PHE A 236 -1.34 3.63 9.86
C PHE A 236 -2.06 2.30 9.67
N THR A 237 -3.16 2.32 8.89
CA THR A 237 -4.13 1.23 8.83
C THR A 237 -4.48 0.86 7.41
N GLY A 238 -5.15 -0.29 7.25
CA GLY A 238 -5.86 -0.59 6.02
C GLY A 238 -7.17 0.16 5.98
N HIS A 239 -7.87 0.04 4.86
CA HIS A 239 -9.04 0.87 4.64
C HIS A 239 -10.01 0.25 3.67
N GLY A 240 -11.28 0.60 3.81
CA GLY A 240 -12.23 0.25 2.77
C GLY A 240 -11.85 1.04 1.52
N ILE A 241 -12.23 0.52 0.38
CA ILE A 241 -11.87 1.08 -0.89
C ILE A 241 -12.97 0.62 -1.84
N GLY A 242 -13.29 1.50 -2.80
CA GLY A 242 -14.39 1.27 -3.69
C GLY A 242 -14.35 2.33 -4.78
N THR A 243 -15.44 3.09 -4.84
CA THR A 243 -15.53 4.25 -5.72
C THR A 243 -14.60 5.36 -5.22
N THR A 244 -14.27 5.30 -3.92
CA THR A 244 -13.36 6.18 -3.26
C THR A 244 -12.15 5.38 -2.72
N PHE A 245 -11.09 6.10 -2.49
CA PHE A 245 -9.76 5.55 -2.22
C PHE A 245 -9.72 5.08 -0.75
N HIS A 246 -10.13 5.93 0.18
CA HIS A 246 -10.25 5.58 1.62
C HIS A 246 -11.65 5.96 2.01
N ASN A 247 -12.54 4.99 2.02
CA ASN A 247 -13.97 5.23 2.14
C ASN A 247 -14.56 5.38 3.52
N GLY A 248 -13.69 5.34 4.54
CA GLY A 248 -14.17 5.46 5.91
C GLY A 248 -14.04 4.21 6.78
N LEU A 249 -14.14 3.04 6.20
CA LEU A 249 -13.80 1.82 6.89
C LEU A 249 -12.30 1.77 7.20
N VAL A 250 -11.95 1.37 8.44
CA VAL A 250 -10.62 1.28 8.96
C VAL A 250 -10.35 -0.18 9.28
N VAL A 251 -9.18 -0.68 8.89
CA VAL A 251 -8.78 -2.03 9.19
C VAL A 251 -7.50 -1.96 10.01
N LEU A 252 -7.57 -2.39 11.26
CA LEU A 252 -6.44 -2.26 12.16
C LEU A 252 -5.61 -3.50 11.98
N HIS A 253 -4.30 -3.30 12.02
CA HIS A 253 -3.36 -4.41 11.88
C HIS A 253 -2.84 -4.98 13.20
N TYR A 254 -3.36 -4.47 14.32
CA TYR A 254 -2.95 -4.93 15.63
C TYR A 254 -4.18 -5.47 16.29
N ASP A 255 -4.02 -6.14 17.44
CA ASP A 255 -5.17 -6.70 18.18
C ASP A 255 -5.97 -5.59 18.85
N GLN A 256 -7.22 -5.43 18.45
CA GLN A 256 -8.05 -4.38 19.00
C GLN A 256 -9.46 -4.94 19.00
N PRO A 257 -9.78 -5.72 20.04
CA PRO A 257 -11.01 -6.49 20.02
C PRO A 257 -12.26 -5.66 20.22
N ALA A 258 -12.12 -4.40 20.62
CA ALA A 258 -13.23 -3.45 20.75
C ALA A 258 -13.93 -3.08 19.43
N VAL A 259 -13.25 -3.28 18.32
CA VAL A 259 -13.89 -3.18 17.04
C VAL A 259 -14.96 -4.26 16.88
N GLU A 260 -16.21 -3.85 16.69
CA GLU A 260 -17.34 -4.80 16.59
C GLU A 260 -17.70 -5.16 15.12
N THR A 261 -17.11 -4.49 14.15
CA THR A 261 -17.48 -4.65 12.75
C THR A 261 -17.35 -6.14 12.31
N ILE A 262 -18.41 -6.65 11.67
CA ILE A 262 -18.45 -8.02 11.18
C ILE A 262 -18.34 -7.94 9.67
N MET A 263 -17.57 -8.85 9.11
CA MET A 263 -17.32 -8.86 7.69
C MET A 263 -18.58 -9.37 6.97
N GLN A 264 -18.92 -8.77 5.83
CA GLN A 264 -20.15 -9.05 5.07
C GLN A 264 -19.77 -9.28 3.63
N PRO A 265 -20.51 -10.17 2.94
CA PRO A 265 -20.28 -10.39 1.54
C PRO A 265 -20.38 -9.07 0.78
N GLY A 266 -19.45 -8.85 -0.12
CA GLY A 266 -19.44 -7.65 -0.96
C GLY A 266 -18.60 -6.50 -0.36
N MET A 267 -18.16 -6.64 0.88
CA MET A 267 -17.27 -5.66 1.46
C MET A 267 -15.92 -5.73 0.78
N THR A 268 -15.29 -4.55 0.62
CA THR A 268 -13.98 -4.47 -0.04
C THR A 268 -13.08 -3.58 0.80
N PHE A 269 -11.88 -4.07 1.08
CA PHE A 269 -10.96 -3.33 1.93
C PHE A 269 -9.54 -3.88 1.72
N THR A 270 -8.58 -3.11 2.19
CA THR A 270 -7.19 -3.45 2.11
C THR A 270 -6.69 -4.04 3.47
N ILE A 271 -5.68 -4.91 3.38
CA ILE A 271 -4.93 -5.35 4.49
C ILE A 271 -3.48 -5.01 4.11
N GLU A 272 -2.83 -4.18 4.90
CA GLU A 272 -1.58 -3.54 4.49
C GLU A 272 -0.65 -3.31 5.67
N PRO A 273 -0.36 -4.36 6.41
CA PRO A 273 0.46 -4.17 7.63
C PRO A 273 1.91 -3.70 7.42
N MET A 274 2.28 -2.75 8.26
CA MET A 274 3.65 -2.20 8.33
C MET A 274 4.20 -2.79 9.61
N ILE A 275 5.33 -3.47 9.50
CA ILE A 275 5.92 -4.27 10.61
C ILE A 275 7.34 -3.77 10.83
N ASN A 276 7.62 -3.37 12.09
CA ASN A 276 8.87 -2.70 12.42
C ASN A 276 9.80 -3.63 13.18
N LEU A 277 11.09 -3.61 12.83
CA LEU A 277 12.11 -4.21 13.67
C LEU A 277 12.29 -3.42 14.98
N GLY A 278 12.08 -2.14 14.97
CA GLY A 278 12.39 -1.31 16.12
C GLY A 278 11.16 -0.87 16.81
N ALA A 279 11.28 0.28 17.46
CA ALA A 279 10.18 0.82 18.23
C ALA A 279 9.17 1.45 17.26
N LEU A 280 7.94 1.63 17.75
CA LEU A 280 6.90 2.29 16.95
C LEU A 280 7.10 3.80 16.68
N ASP A 281 7.87 4.50 17.50
CA ASP A 281 7.91 5.96 17.41
C ASP A 281 8.31 6.38 16.00
N TYR A 282 7.68 7.41 15.44
CA TYR A 282 8.05 7.91 14.08
C TYR A 282 8.07 9.43 14.01
N GLU A 283 8.68 9.89 12.93
CA GLU A 283 8.65 11.30 12.52
C GLU A 283 8.08 11.35 11.08
N ILE A 284 7.51 12.51 10.75
CA ILE A 284 7.10 12.83 9.39
C ILE A 284 8.01 13.90 8.82
N TRP A 285 8.57 13.67 7.65
CA TRP A 285 9.40 14.68 7.01
C TRP A 285 8.63 15.97 6.70
N ASP A 286 9.43 16.96 6.30
CA ASP A 286 8.91 18.29 6.04
C ASP A 286 7.95 18.28 4.85
N ASP A 287 8.24 17.43 3.86
CA ASP A 287 7.33 17.18 2.73
C ASP A 287 5.92 16.81 3.12
N GLY A 288 5.68 16.51 4.40
CA GLY A 288 4.34 16.28 4.93
C GLY A 288 3.82 14.85 4.67
N TRP A 289 4.64 14.02 4.02
CA TRP A 289 4.24 12.67 3.70
C TRP A 289 5.12 11.60 4.33
N THR A 290 6.41 11.70 4.11
CA THR A 290 7.35 10.63 4.42
C THR A 290 7.45 10.30 5.91
N VAL A 291 7.05 9.08 6.32
CA VAL A 291 7.02 8.63 7.70
C VAL A 291 8.21 7.71 7.95
N VAL A 292 9.01 8.06 8.94
CA VAL A 292 10.31 7.42 9.11
C VAL A 292 10.38 6.94 10.57
N THR A 293 10.99 5.78 10.80
CA THR A 293 11.07 5.34 12.17
C THR A 293 12.10 6.24 12.86
N LYS A 294 11.79 6.54 14.12
CA LYS A 294 12.62 7.41 14.96
C LYS A 294 13.96 6.73 15.23
N ASP A 295 13.97 5.43 15.57
CA ASP A 295 15.25 4.72 15.75
C ASP A 295 15.97 4.34 14.47
N ARG A 296 15.34 4.57 13.32
CA ARG A 296 15.91 4.32 12.03
C ARG A 296 16.03 2.85 11.73
N LYS A 297 15.45 1.99 12.55
CA LYS A 297 15.39 0.58 12.19
C LYS A 297 14.37 0.37 11.04
N TRP A 298 14.64 -0.65 10.24
CA TRP A 298 13.89 -0.83 8.98
C TRP A 298 12.56 -1.45 9.28
N THR A 299 11.67 -1.31 8.30
CA THR A 299 10.30 -1.63 8.47
C THR A 299 9.83 -2.13 7.12
N ALA A 300 8.84 -2.99 7.11
CA ALA A 300 8.31 -3.57 5.83
C ALA A 300 6.82 -3.67 5.81
N GLN A 301 6.30 -3.76 4.61
CA GLN A 301 4.84 -3.76 4.31
C GLN A 301 4.50 -4.52 3.04
N PHE A 302 3.33 -5.17 3.04
CA PHE A 302 2.70 -5.75 1.89
C PHE A 302 1.19 -5.35 1.96
N GLU A 303 0.52 -5.36 0.83
CA GLU A 303 -0.90 -4.95 0.70
C GLU A 303 -1.58 -5.60 -0.46
N HIS A 304 -2.81 -6.03 -0.20
CA HIS A 304 -3.75 -6.38 -1.25
C HIS A 304 -5.06 -5.71 -0.97
N THR A 305 -5.90 -5.66 -2.02
CA THR A 305 -7.31 -5.27 -1.89
C THR A 305 -8.11 -6.57 -1.96
N LEU A 306 -8.96 -6.75 -0.96
CA LEU A 306 -9.74 -7.95 -0.79
C LEU A 306 -11.20 -7.66 -0.93
N LEU A 307 -11.91 -8.66 -1.44
CA LEU A 307 -13.36 -8.83 -1.46
C LEU A 307 -13.76 -9.93 -0.51
N VAL A 308 -14.76 -9.65 0.33
CA VAL A 308 -15.40 -10.67 1.10
C VAL A 308 -16.42 -11.29 0.18
N THR A 309 -16.34 -12.60 -0.07
CA THR A 309 -17.25 -13.28 -1.01
C THR A 309 -18.42 -13.81 -0.19
N ASP A 310 -19.25 -14.65 -0.76
CA ASP A 310 -20.34 -15.26 0.02
C ASP A 310 -19.92 -16.27 0.99
N THR A 311 -18.69 -16.79 0.90
CA THR A 311 -18.18 -17.82 1.76
C THR A 311 -16.73 -17.61 2.14
N GLY A 312 -16.00 -16.66 1.53
CA GLY A 312 -14.62 -16.41 1.94
C GLY A 312 -14.07 -15.10 1.41
N VAL A 313 -12.99 -15.21 0.66
CA VAL A 313 -12.23 -14.06 0.19
C VAL A 313 -11.81 -14.23 -1.27
N GLU A 314 -11.67 -13.09 -1.94
CA GLU A 314 -11.04 -13.04 -3.22
C GLU A 314 -10.05 -11.91 -3.22
N ILE A 315 -8.84 -12.23 -3.69
CA ILE A 315 -7.78 -11.21 -3.79
C ILE A 315 -7.95 -10.49 -5.10
N LEU A 316 -8.39 -9.24 -5.04
CA LEU A 316 -8.64 -8.49 -6.25
C LEU A 316 -7.38 -7.97 -6.96
N THR A 317 -6.31 -7.76 -6.19
CA THR A 317 -5.02 -7.36 -6.72
C THR A 317 -4.10 -8.52 -6.91
N ALA A 318 -4.62 -9.65 -7.33
CA ALA A 318 -3.75 -10.82 -7.61
C ALA A 318 -3.16 -10.63 -8.99
N LEU A 319 -1.94 -11.14 -9.16
CA LEU A 319 -1.19 -10.80 -10.38
C LEU A 319 -2.00 -11.27 -11.62
CO CO B . -4.16 0.95 0.88
CO CO C . -1.65 1.24 -0.95
CL CL D . 4.51 13.02 -11.14
NA NA E . 10.38 0.38 4.43
#